data_6H50
#
_entry.id   6H50
#
_cell.length_a   142.360
_cell.length_b   142.360
_cell.length_c   152.780
_cell.angle_alpha   90.00
_cell.angle_beta   90.00
_cell.angle_gamma   120.00
#
_symmetry.space_group_name_H-M   'P 65 2 2'
#
loop_
_entity.id
_entity.type
_entity.pdbx_description
1 polymer 'Lysine-specific demethylase 5B,Lysine-specific demethylase 5B'
2 non-polymer 'ZINC ION'
3 non-polymer 'MANGANESE (II) ION'
4 non-polymer 1,2-ETHANEDIOL
5 non-polymer 'PHOSPHATE ION'
6 non-polymer 8-[4-(1-methylpiperidin-4-yl)pyrazol-1-yl]-3~{H}-pyrido[3,4-d]pyrimidin-4-one
7 non-polymer 'DIMETHYL SULFOXIDE'
8 water water
#
_entity_poly.entity_id   1
_entity_poly.type   'polypeptide(L)'
_entity_poly.pdbx_seq_one_letter_code
;SMFLPPPECPVFEPSWEEFADPFAFIHKIRPIAEQTGICKVRPPPDWQPPFACDVDKLHFTPRIQRLNELEAQTRVKLGG
GGARDYTLRTFGEMADAFKSDYFNMPVHMVPTELVEKEFWRLVSTIEEDVTVEYGADIASKEFGSGFPVRDGKIKLSPEE
EEYLDSGWNLNNMPVMEQSVLAHITADICGMKLPWLYVGMCFSSFCWHIEDHWSYSINYLHWGEPKTWYGVPGYAAEQLE
NVMKKLAPELFVSQPDLLHQLVTIMNPNTLMTHEVPVYRTNQCAGEFVITFPRAYHSGFNQGFNFAEAVNFCTVDWLPLG
RQCVEHYRLLHRYCVFSHDEMICKMASKADVLDVVVASTVQKDMAIMIEDEKALRETVRKLGVIDSERMDFELLPDDERQ
CVKCKTTCFMSAISCSCKPGLLVCLHHVKELCSCPPYKYKLRYRYTLDDLYPMMNALKLRAESYNEWALNVNEALEAKIN
K
;
_entity_poly.pdbx_strand_id   A
#
loop_
_chem_comp.id
_chem_comp.type
_chem_comp.name
_chem_comp.formula
DMS non-polymer 'DIMETHYL SULFOXIDE' 'C2 H6 O S'
EDO non-polymer 1,2-ETHANEDIOL 'C2 H6 O2'
FO2 non-polymer 8-[4-(1-methylpiperidin-4-yl)pyrazol-1-yl]-3~{H}-pyrido[3,4-d]pyrimidin-4-one 'C16 H18 N6 O'
MN non-polymer 'MANGANESE (II) ION' 'Mn 2'
PO4 non-polymer 'PHOSPHATE ION' 'O4 P -3'
ZN non-polymer 'ZINC ION' 'Zn 2'
#
# COMPACT_ATOMS: atom_id res chain seq x y z
CA SER A 1 22.01 -17.50 -18.21
C SER A 1 20.76 -17.63 -19.09
N MET A 2 19.64 -18.14 -18.50
CA MET A 2 18.37 -18.29 -19.21
C MET A 2 17.18 -17.73 -18.42
N PHE A 3 16.50 -16.75 -19.01
CA PHE A 3 15.33 -16.15 -18.41
C PHE A 3 14.14 -16.37 -19.33
N LEU A 4 13.10 -17.00 -18.80
CA LEU A 4 11.87 -17.31 -19.54
C LEU A 4 10.90 -16.22 -19.10
N PRO A 5 10.68 -15.15 -19.88
CA PRO A 5 9.77 -14.09 -19.41
C PRO A 5 8.38 -14.61 -19.04
N PRO A 6 7.86 -14.24 -17.83
CA PRO A 6 6.50 -14.63 -17.45
C PRO A 6 5.46 -14.18 -18.50
N PRO A 7 4.24 -14.78 -18.58
CA PRO A 7 3.25 -14.27 -19.53
C PRO A 7 2.82 -12.84 -19.22
N GLU A 8 2.33 -12.13 -20.24
CA GLU A 8 1.89 -10.74 -20.10
C GLU A 8 0.62 -10.59 -19.25
N CYS A 9 0.60 -9.57 -18.38
CA CYS A 9 -0.55 -9.24 -17.53
C CYS A 9 -1.62 -8.54 -18.44
N PRO A 10 -2.91 -8.40 -18.00
CA PRO A 10 -3.92 -7.75 -18.86
C PRO A 10 -3.67 -6.25 -19.10
N VAL A 11 -3.99 -5.78 -20.31
CA VAL A 11 -3.86 -4.37 -20.72
C VAL A 11 -5.25 -3.88 -21.07
N PHE A 12 -5.66 -2.79 -20.41
CA PHE A 12 -6.96 -2.18 -20.66
C PHE A 12 -6.79 -0.89 -21.36
N GLU A 13 -7.70 -0.63 -22.30
CA GLU A 13 -7.72 0.58 -23.07
C GLU A 13 -9.15 1.14 -22.97
N PRO A 14 -9.53 1.71 -21.80
CA PRO A 14 -10.90 2.22 -21.67
C PRO A 14 -11.19 3.40 -22.58
N SER A 15 -12.46 3.53 -22.97
CA SER A 15 -12.99 4.65 -23.74
C SER A 15 -13.14 5.78 -22.70
N TRP A 16 -13.44 6.99 -23.13
N TRP A 16 -13.46 6.99 -23.12
CA TRP A 16 -13.56 8.06 -22.15
CA TRP A 16 -13.61 8.09 -22.18
C TRP A 16 -14.70 7.82 -21.16
C TRP A 16 -14.71 7.85 -21.17
N GLU A 17 -15.82 7.31 -21.65
CA GLU A 17 -16.98 7.00 -20.79
C GLU A 17 -16.60 6.00 -19.70
N GLU A 18 -15.80 4.95 -20.06
CA GLU A 18 -15.31 3.93 -19.14
C GLU A 18 -14.29 4.56 -18.19
N PHE A 19 -13.41 5.39 -18.75
CA PHE A 19 -12.36 6.09 -18.04
C PHE A 19 -12.83 7.13 -17.05
N ALA A 20 -14.02 7.68 -17.26
CA ALA A 20 -14.51 8.78 -16.44
C ALA A 20 -14.58 8.47 -14.95
N ASP A 21 -14.96 7.27 -14.57
CA ASP A 21 -14.96 6.95 -13.16
C ASP A 21 -13.91 5.87 -12.89
N PRO A 22 -12.84 6.23 -12.19
CA PRO A 22 -11.81 5.24 -11.92
C PRO A 22 -12.31 4.08 -11.07
N PHE A 23 -13.09 4.38 -10.04
CA PHE A 23 -13.64 3.34 -9.18
C PHE A 23 -14.60 2.40 -9.89
N ALA A 24 -15.47 2.95 -10.72
CA ALA A 24 -16.41 2.13 -11.50
C ALA A 24 -15.63 1.29 -12.52
N PHE A 25 -14.53 1.85 -13.08
CA PHE A 25 -13.66 1.14 -14.01
C PHE A 25 -12.87 -0.01 -13.33
N ILE A 26 -12.31 0.25 -12.13
CA ILE A 26 -11.54 -0.72 -11.34
C ILE A 26 -12.43 -1.89 -10.94
N HIS A 27 -13.70 -1.59 -10.54
CA HIS A 27 -14.69 -2.60 -10.19
C HIS A 27 -15.04 -3.47 -11.42
N LYS A 28 -15.14 -2.84 -12.61
CA LYS A 28 -15.44 -3.52 -13.88
C LYS A 28 -14.33 -4.52 -14.28
N ILE A 29 -13.05 -4.10 -14.22
CA ILE A 29 -11.88 -4.93 -14.61
C ILE A 29 -11.48 -5.97 -13.55
N ARG A 30 -11.90 -5.77 -12.29
CA ARG A 30 -11.58 -6.60 -11.13
C ARG A 30 -11.69 -8.12 -11.39
N PRO A 31 -12.79 -8.70 -11.97
CA PRO A 31 -12.82 -10.17 -12.18
C PRO A 31 -11.64 -10.72 -12.99
N ILE A 32 -11.13 -9.93 -13.95
CA ILE A 32 -9.98 -10.31 -14.79
C ILE A 32 -8.66 -10.03 -14.06
N ALA A 33 -8.45 -8.76 -13.66
CA ALA A 33 -7.23 -8.27 -13.04
C ALA A 33 -6.86 -8.89 -11.67
N GLU A 34 -7.85 -9.32 -10.88
CA GLU A 34 -7.55 -9.95 -9.59
C GLU A 34 -6.95 -11.37 -9.75
N GLN A 35 -7.08 -11.95 -10.96
CA GLN A 35 -6.55 -13.27 -11.32
C GLN A 35 -5.07 -13.16 -11.73
N THR A 36 -4.58 -11.92 -11.94
CA THR A 36 -3.20 -11.66 -12.33
C THR A 36 -2.45 -10.79 -11.33
N GLY A 37 -3.20 -10.17 -10.41
CA GLY A 37 -2.65 -9.30 -9.37
C GLY A 37 -2.39 -7.88 -9.83
N ILE A 38 -1.77 -7.74 -11.00
CA ILE A 38 -1.45 -6.45 -11.64
C ILE A 38 -2.12 -6.40 -13.01
N CYS A 39 -2.37 -5.20 -13.48
CA CYS A 39 -2.87 -4.96 -14.83
C CYS A 39 -2.38 -3.59 -15.27
N LYS A 40 -2.40 -3.33 -16.57
CA LYS A 40 -1.97 -2.08 -17.11
C LYS A 40 -3.17 -1.34 -17.68
N VAL A 41 -3.19 -0.02 -17.51
CA VAL A 41 -4.25 0.83 -18.03
C VAL A 41 -3.69 1.90 -18.95
N ARG A 42 -4.14 1.90 -20.18
N ARG A 42 -4.15 1.90 -20.18
CA ARG A 42 -3.72 2.92 -21.11
CA ARG A 42 -3.75 2.92 -21.13
C ARG A 42 -4.88 3.91 -21.19
C ARG A 42 -4.89 3.90 -21.17
N PRO A 43 -4.64 5.15 -20.79
CA PRO A 43 -5.74 6.12 -20.83
C PRO A 43 -6.19 6.49 -22.26
N PRO A 44 -7.40 7.07 -22.47
CA PRO A 44 -7.77 7.52 -23.83
C PRO A 44 -6.68 8.43 -24.42
N PRO A 45 -6.40 8.35 -25.75
CA PRO A 45 -5.25 9.11 -26.34
C PRO A 45 -5.14 10.60 -26.01
N ASP A 46 -6.30 11.26 -25.84
CA ASP A 46 -6.42 12.69 -25.52
C ASP A 46 -6.19 13.02 -24.03
N TRP A 47 -6.23 12.02 -23.09
CA TRP A 47 -5.96 12.28 -21.66
C TRP A 47 -4.45 12.40 -21.53
N GLN A 48 -3.96 13.64 -21.49
CA GLN A 48 -2.52 13.89 -21.40
C GLN A 48 -2.27 14.98 -20.36
N PRO A 49 -2.09 14.61 -19.07
CA PRO A 49 -1.86 15.64 -18.04
C PRO A 49 -0.55 16.39 -18.31
N PRO A 50 -0.48 17.71 -18.00
CA PRO A 50 0.76 18.43 -18.31
C PRO A 50 1.87 18.17 -17.32
N PHE A 51 3.04 17.78 -17.82
CA PHE A 51 4.21 17.61 -16.99
C PHE A 51 5.18 18.76 -17.21
N ALA A 52 5.35 19.59 -16.16
CA ALA A 52 6.27 20.72 -16.17
C ALA A 52 7.01 20.81 -14.85
N CYS A 53 8.36 20.88 -14.94
CA CYS A 53 9.26 20.98 -13.79
C CYS A 53 10.64 21.54 -14.18
N ASP A 54 11.27 22.30 -13.24
CA ASP A 54 12.63 22.82 -13.41
C ASP A 54 13.53 21.75 -12.82
N VAL A 55 14.38 21.15 -13.66
CA VAL A 55 15.27 20.05 -13.29
C VAL A 55 16.38 20.46 -12.30
N ASP A 56 16.68 21.77 -12.21
CA ASP A 56 17.73 22.33 -11.36
C ASP A 56 17.26 22.68 -9.95
N LYS A 57 15.95 22.88 -9.79
CA LYS A 57 15.32 23.26 -8.53
C LYS A 57 14.74 22.06 -7.76
N LEU A 58 14.57 20.92 -8.44
CA LEU A 58 14.08 19.68 -7.83
C LEU A 58 15.29 18.90 -7.32
N HIS A 59 15.38 18.78 -5.98
N HIS A 59 15.36 18.73 -6.00
CA HIS A 59 16.47 18.12 -5.23
CA HIS A 59 16.46 18.01 -5.35
C HIS A 59 15.91 16.92 -4.43
C HIS A 59 15.95 16.94 -4.40
N PHE A 60 16.72 15.86 -4.29
CA PHE A 60 16.38 14.69 -3.47
C PHE A 60 17.63 13.96 -3.03
N THR A 61 17.50 13.22 -1.95
CA THR A 61 18.57 12.39 -1.42
C THR A 61 18.30 10.98 -1.93
N PRO A 62 19.21 10.43 -2.74
CA PRO A 62 18.98 9.08 -3.28
C PRO A 62 19.33 8.00 -2.28
N ARG A 63 18.72 6.83 -2.47
CA ARG A 63 18.98 5.63 -1.69
C ARG A 63 19.93 4.76 -2.53
N ILE A 64 20.92 4.13 -1.89
CA ILE A 64 21.89 3.24 -2.55
C ILE A 64 21.30 1.83 -2.48
N GLN A 65 21.43 1.09 -3.59
CA GLN A 65 20.90 -0.24 -3.72
C GLN A 65 21.90 -1.23 -4.31
N ARG A 66 22.20 -2.30 -3.54
CA ARG A 66 23.02 -3.44 -3.98
C ARG A 66 22.04 -4.36 -4.70
N LEU A 67 22.45 -4.92 -5.82
CA LEU A 67 21.56 -5.75 -6.64
C LEU A 67 21.89 -7.25 -6.49
N ASN A 68 21.44 -7.86 -5.38
CA ASN A 68 21.71 -9.27 -5.09
C ASN A 68 20.45 -10.03 -4.77
N GLU A 69 20.18 -11.07 -5.55
CA GLU A 69 19.03 -11.94 -5.37
C GLU A 69 19.09 -12.58 -3.98
N LEU A 70 17.93 -12.63 -3.29
CA LEU A 70 17.70 -13.20 -1.96
C LEU A 70 18.37 -12.41 -0.82
N GLU A 71 19.04 -11.30 -1.12
CA GLU A 71 19.68 -10.47 -0.10
C GLU A 71 18.59 -9.57 0.54
N ALA A 72 18.59 -9.51 1.88
CA ALA A 72 17.65 -8.71 2.65
C ALA A 72 17.85 -7.22 2.35
N GLN A 73 16.73 -6.54 2.13
CA GLN A 73 16.66 -5.11 1.87
C GLN A 73 15.58 -4.56 2.81
N THR A 74 15.73 -3.30 3.23
CA THR A 74 14.75 -2.65 4.11
C THR A 74 13.76 -1.82 3.29
N ARG A 75 12.46 -1.93 3.61
CA ARG A 75 11.40 -1.09 3.02
C ARG A 75 11.43 0.18 3.89
N VAL A 76 11.87 1.32 3.30
CA VAL A 76 12.05 2.57 4.07
C VAL A 76 10.87 3.55 3.94
N LYS A 77 10.98 4.71 4.62
CA LYS A 77 9.99 5.80 4.65
C LYS A 77 10.68 7.17 4.61
N ARG A 84 24.51 11.13 -0.97
CA ARG A 84 24.62 12.47 -1.54
C ARG A 84 23.28 13.02 -2.02
N ASP A 85 23.24 14.33 -2.26
CA ASP A 85 22.04 14.99 -2.73
C ASP A 85 22.16 15.29 -4.21
N TYR A 86 21.12 15.00 -4.98
CA TYR A 86 21.14 15.23 -6.41
C TYR A 86 20.02 16.14 -6.85
N THR A 87 20.21 16.87 -7.95
CA THR A 87 19.10 17.59 -8.53
C THR A 87 18.51 16.57 -9.54
N LEU A 88 17.31 16.80 -10.06
CA LEU A 88 16.73 15.90 -11.07
C LEU A 88 17.67 15.84 -12.30
N ARG A 89 18.30 16.99 -12.68
CA ARG A 89 19.28 17.05 -13.76
C ARG A 89 20.54 16.16 -13.51
N THR A 90 21.21 16.35 -12.36
CA THR A 90 22.45 15.63 -12.03
C THR A 90 22.18 14.15 -11.82
N PHE A 91 20.96 13.79 -11.34
CA PHE A 91 20.59 12.38 -11.22
C PHE A 91 20.43 11.78 -12.61
N GLY A 92 19.79 12.50 -13.51
CA GLY A 92 19.58 12.08 -14.89
C GLY A 92 20.87 11.91 -15.66
N GLU A 93 21.84 12.83 -15.45
CA GLU A 93 23.17 12.76 -16.10
C GLU A 93 23.90 11.50 -15.65
N MET A 94 23.86 11.20 -14.34
CA MET A 94 24.46 10.02 -13.74
C MET A 94 23.73 8.75 -14.25
N ALA A 95 22.38 8.80 -14.31
CA ALA A 95 21.59 7.63 -14.71
C ALA A 95 21.87 7.20 -16.16
N ASP A 96 21.91 8.19 -17.08
CA ASP A 96 22.17 8.00 -18.50
C ASP A 96 23.59 7.57 -18.77
N ALA A 97 24.57 8.21 -18.11
CA ALA A 97 25.97 7.82 -18.24
C ALA A 97 26.16 6.35 -17.74
N PHE A 98 25.44 5.94 -16.68
CA PHE A 98 25.55 4.58 -16.15
C PHE A 98 25.10 3.53 -17.18
N LYS A 99 23.87 3.71 -17.74
CA LYS A 99 23.25 2.79 -18.69
C LYS A 99 24.08 2.73 -19.97
N SER A 100 24.44 3.93 -20.49
CA SER A 100 25.24 4.03 -21.69
C SER A 100 26.63 3.36 -21.53
N ASP A 101 27.25 3.45 -20.35
CA ASP A 101 28.54 2.79 -20.10
C ASP A 101 28.41 1.32 -19.83
N TYR A 102 27.29 0.90 -19.25
CA TYR A 102 27.05 -0.50 -18.93
C TYR A 102 26.94 -1.33 -20.20
N PHE A 103 26.25 -0.79 -21.20
CA PHE A 103 25.97 -1.48 -22.44
C PHE A 103 26.81 -1.05 -23.61
N ASN A 104 27.54 0.07 -23.50
CA ASN A 104 28.34 0.65 -24.58
C ASN A 104 27.45 0.95 -25.81
N MET A 105 26.26 1.43 -25.53
CA MET A 105 25.25 1.75 -26.53
C MET A 105 24.60 3.07 -26.16
N PRO A 106 24.06 3.83 -27.15
CA PRO A 106 23.27 5.04 -26.79
C PRO A 106 22.10 4.63 -25.87
N VAL A 107 21.86 5.39 -24.78
CA VAL A 107 20.87 5.13 -23.71
C VAL A 107 19.49 4.61 -24.17
N HIS A 108 18.97 5.06 -25.33
CA HIS A 108 17.66 4.70 -25.92
C HIS A 108 17.67 3.50 -26.83
N MET A 109 18.87 3.02 -27.19
CA MET A 109 18.96 1.90 -28.11
C MET A 109 19.02 0.54 -27.42
N VAL A 110 19.05 0.51 -26.08
CA VAL A 110 19.14 -0.76 -25.37
C VAL A 110 17.76 -1.48 -25.36
N PRO A 111 17.63 -2.65 -26.04
CA PRO A 111 16.35 -3.39 -26.03
C PRO A 111 15.88 -3.75 -24.61
N THR A 112 14.58 -3.65 -24.36
CA THR A 112 13.99 -3.90 -23.04
C THR A 112 14.19 -5.37 -22.58
N GLU A 113 14.09 -6.31 -23.53
CA GLU A 113 14.27 -7.74 -23.29
C GLU A 113 15.70 -8.05 -22.86
N LEU A 114 16.66 -7.23 -23.36
CA LEU A 114 18.07 -7.31 -23.00
C LEU A 114 18.30 -6.79 -21.59
N VAL A 115 17.75 -5.60 -21.25
CA VAL A 115 17.87 -5.04 -19.89
C VAL A 115 17.28 -6.03 -18.87
N GLU A 116 16.12 -6.64 -19.19
CA GLU A 116 15.44 -7.65 -18.34
C GLU A 116 16.30 -8.91 -18.12
N LYS A 117 16.85 -9.51 -19.21
CA LYS A 117 17.70 -10.70 -19.13
C LYS A 117 18.96 -10.39 -18.33
N GLU A 118 19.52 -9.19 -18.56
CA GLU A 118 20.72 -8.70 -17.88
C GLU A 118 20.49 -8.47 -16.44
N PHE A 119 19.34 -7.86 -16.08
CA PHE A 119 18.96 -7.62 -14.69
C PHE A 119 18.99 -8.96 -13.92
N TRP A 120 18.36 -10.01 -14.45
CA TRP A 120 18.27 -11.32 -13.80
C TRP A 120 19.60 -12.06 -13.76
N ARG A 121 20.49 -11.81 -14.74
CA ARG A 121 21.82 -12.40 -14.70
C ARG A 121 22.65 -11.72 -13.59
N LEU A 122 22.70 -10.38 -13.61
CA LEU A 122 23.47 -9.54 -12.68
C LEU A 122 23.10 -9.80 -11.18
N VAL A 123 21.79 -9.94 -10.85
CA VAL A 123 21.34 -10.18 -9.46
C VAL A 123 21.70 -11.59 -8.95
N SER A 124 21.86 -12.54 -9.87
CA SER A 124 22.17 -13.92 -9.53
C SER A 124 23.69 -14.22 -9.49
N THR A 125 24.51 -13.43 -10.19
CA THR A 125 25.97 -13.63 -10.21
C THR A 125 26.62 -13.01 -8.96
N ILE A 126 27.35 -13.83 -8.19
CA ILE A 126 28.03 -13.38 -6.96
C ILE A 126 29.24 -12.48 -7.29
N GLU A 127 29.89 -12.75 -8.44
CA GLU A 127 31.04 -12.01 -8.95
C GLU A 127 30.66 -10.57 -9.37
N GLU A 128 29.37 -10.29 -9.61
CA GLU A 128 28.88 -8.96 -9.97
C GLU A 128 28.59 -8.16 -8.70
N ASP A 129 29.19 -6.97 -8.59
CA ASP A 129 29.00 -6.06 -7.45
C ASP A 129 28.40 -4.71 -7.94
N VAL A 130 27.29 -4.81 -8.69
CA VAL A 130 26.60 -3.65 -9.27
C VAL A 130 25.76 -2.92 -8.24
N THR A 131 26.03 -1.62 -8.03
N THR A 131 26.03 -1.62 -8.04
CA THR A 131 25.25 -0.77 -7.12
CA THR A 131 25.28 -0.77 -7.12
C THR A 131 24.58 0.35 -7.91
C THR A 131 24.61 0.38 -7.89
N VAL A 132 23.31 0.62 -7.62
CA VAL A 132 22.52 1.69 -8.28
C VAL A 132 21.91 2.62 -7.22
N GLU A 133 21.32 3.74 -7.68
CA GLU A 133 20.65 4.73 -6.83
C GLU A 133 19.24 5.00 -7.32
N TYR A 134 18.39 5.50 -6.44
N TYR A 134 18.30 5.30 -6.37
CA TYR A 134 17.04 5.87 -6.82
CA TYR A 134 16.85 5.48 -6.61
C TYR A 134 16.52 6.91 -5.87
C TYR A 134 16.25 6.57 -5.68
N GLY A 135 15.40 7.46 -6.24
CA GLY A 135 14.71 8.46 -5.44
C GLY A 135 13.38 7.89 -4.99
N ALA A 136 13.04 8.03 -3.72
CA ALA A 136 11.76 7.54 -3.19
C ALA A 136 11.29 8.40 -2.02
N ASP A 137 10.16 9.14 -2.19
CA ASP A 137 9.59 9.96 -1.12
C ASP A 137 8.20 10.51 -1.41
N ILE A 138 7.47 10.94 -0.34
CA ILE A 138 6.16 11.60 -0.48
C ILE A 138 6.38 13.00 -1.07
N ALA A 139 5.35 13.61 -1.66
CA ALA A 139 5.46 14.97 -2.19
C ALA A 139 5.75 16.01 -1.06
N SER A 140 6.70 16.94 -1.34
CA SER A 140 7.15 18.01 -0.44
C SER A 140 7.44 19.29 -1.26
N LYS A 141 7.82 20.40 -0.58
CA LYS A 141 8.16 21.68 -1.23
C LYS A 141 9.42 21.57 -2.11
N GLU A 142 10.37 20.69 -1.72
CA GLU A 142 11.64 20.45 -2.44
C GLU A 142 11.41 19.60 -3.69
N PHE A 143 10.37 18.74 -3.66
CA PHE A 143 9.98 17.82 -4.75
C PHE A 143 8.49 17.46 -4.59
N GLY A 144 7.64 18.10 -5.38
CA GLY A 144 6.18 17.93 -5.32
C GLY A 144 5.60 16.99 -6.37
N SER A 145 4.26 16.83 -6.32
CA SER A 145 3.48 16.00 -7.22
C SER A 145 3.74 16.29 -8.71
N GLY A 146 3.73 15.24 -9.52
CA GLY A 146 3.86 15.32 -10.97
C GLY A 146 2.56 15.77 -11.60
N PHE A 147 1.46 15.66 -10.83
CA PHE A 147 0.12 16.07 -11.26
C PHE A 147 -0.22 17.50 -10.83
N PRO A 148 -1.14 18.21 -11.56
CA PRO A 148 -1.52 19.57 -11.11
C PRO A 148 -2.24 19.57 -9.77
N VAL A 149 -1.89 20.52 -8.90
CA VAL A 149 -2.48 20.75 -7.57
C VAL A 149 -2.83 22.24 -7.41
N ARG A 150 -3.78 22.55 -6.51
N ARG A 150 -3.77 22.55 -6.50
CA ARG A 150 -4.18 23.93 -6.24
CA ARG A 150 -4.19 23.92 -6.23
C ARG A 150 -3.19 24.61 -5.29
C ARG A 150 -3.18 24.60 -5.30
N ASP A 151 -2.72 25.81 -5.68
CA ASP A 151 -1.75 26.59 -4.89
C ASP A 151 -2.05 28.10 -4.92
N GLY A 152 -2.08 28.71 -3.74
CA GLY A 152 -2.35 30.13 -3.57
C GLY A 152 -1.11 30.99 -3.74
N ILE A 154 0.18 30.87 -6.97
CA ILE A 154 0.52 30.21 -8.22
C ILE A 154 -0.68 30.12 -9.15
N LYS A 155 -0.67 30.89 -10.25
CA LYS A 155 -1.74 30.89 -11.26
C LYS A 155 -1.52 29.68 -12.19
N LEU A 156 -2.55 28.81 -12.29
CA LEU A 156 -2.53 27.59 -13.10
C LEU A 156 -3.16 27.80 -14.49
N SER A 157 -2.55 27.22 -15.53
CA SER A 157 -3.01 27.29 -16.92
C SER A 157 -4.31 26.46 -17.12
N PRO A 158 -5.20 26.79 -18.11
CA PRO A 158 -6.41 25.96 -18.30
C PRO A 158 -6.15 24.45 -18.50
N GLU A 159 -4.96 24.09 -19.05
CA GLU A 159 -4.53 22.69 -19.23
C GLU A 159 -4.32 22.01 -17.87
N GLU A 160 -3.78 22.77 -16.89
CA GLU A 160 -3.58 22.28 -15.52
C GLU A 160 -4.92 22.18 -14.78
N GLU A 161 -5.86 23.15 -15.04
CA GLU A 161 -7.20 23.22 -14.45
C GLU A 161 -8.06 21.99 -14.82
N GLU A 162 -7.97 21.58 -16.10
CA GLU A 162 -8.61 20.40 -16.70
C GLU A 162 -8.32 19.10 -15.92
N TYR A 163 -7.05 18.94 -15.47
CA TYR A 163 -6.55 17.74 -14.79
C TYR A 163 -6.48 17.88 -13.27
N LEU A 164 -6.93 19.03 -12.72
CA LEU A 164 -6.91 19.28 -11.29
C LEU A 164 -7.96 18.45 -10.54
N ASP A 165 -9.14 18.27 -11.16
CA ASP A 165 -10.27 17.57 -10.56
C ASP A 165 -10.42 16.11 -11.01
N SER A 166 -9.55 15.67 -11.95
CA SER A 166 -9.52 14.31 -12.50
C SER A 166 -9.40 13.23 -11.44
N GLY A 167 -10.21 12.18 -11.56
CA GLY A 167 -10.17 11.02 -10.67
C GLY A 167 -8.84 10.28 -10.78
N TRP A 168 -8.19 10.36 -11.98
CA TRP A 168 -6.90 9.76 -12.27
C TRP A 168 -5.72 10.65 -11.88
N ASN A 169 -5.97 11.89 -11.39
CA ASN A 169 -4.91 12.73 -10.81
C ASN A 169 -4.73 12.04 -9.46
N LEU A 170 -3.53 11.51 -9.17
CA LEU A 170 -3.33 10.68 -7.99
C LEU A 170 -3.42 11.43 -6.63
N ASN A 171 -3.50 12.77 -6.66
CA ASN A 171 -3.74 13.57 -5.46
C ASN A 171 -5.22 13.50 -5.05
N ASN A 172 -6.13 13.30 -6.02
CA ASN A 172 -7.58 13.22 -5.81
C ASN A 172 -8.12 11.85 -5.43
N MET A 173 -7.55 10.77 -6.02
CA MET A 173 -7.93 9.38 -5.79
C MET A 173 -8.26 9.07 -4.31
N PRO A 174 -7.38 9.40 -3.31
CA PRO A 174 -7.74 9.12 -1.90
C PRO A 174 -8.99 9.83 -1.35
N VAL A 175 -9.24 11.09 -1.76
CA VAL A 175 -10.33 11.89 -1.19
C VAL A 175 -11.66 11.77 -1.98
N MET A 176 -11.79 10.80 -2.91
CA MET A 176 -13.04 10.59 -3.66
C MET A 176 -14.14 9.87 -2.81
N GLU A 177 -15.44 10.00 -3.20
CA GLU A 177 -16.56 9.43 -2.42
C GLU A 177 -16.69 7.86 -2.48
N GLN A 178 -15.96 7.19 -3.39
CA GLN A 178 -15.98 5.73 -3.53
C GLN A 178 -14.78 5.07 -2.80
N SER A 179 -13.88 5.93 -2.28
CA SER A 179 -12.69 5.59 -1.50
C SER A 179 -13.10 5.50 -0.01
N VAL A 180 -12.54 4.51 0.74
CA VAL A 180 -12.90 4.36 2.16
C VAL A 180 -11.88 5.03 3.09
N LEU A 181 -10.63 5.23 2.61
CA LEU A 181 -9.53 5.87 3.37
C LEU A 181 -9.66 7.41 3.42
N ALA A 182 -10.72 7.96 2.79
CA ALA A 182 -10.99 9.39 2.69
C ALA A 182 -11.25 10.05 4.04
N HIS A 183 -12.35 9.64 4.68
N HIS A 183 -12.39 9.71 4.69
CA HIS A 183 -12.91 10.11 5.93
CA HIS A 183 -12.84 10.30 5.96
C HIS A 183 -12.04 9.81 7.18
C HIS A 183 -11.96 9.94 7.17
N ILE A 184 -10.91 9.09 6.99
CA ILE A 184 -9.97 8.70 8.08
C ILE A 184 -9.21 9.92 8.66
N THR A 185 -9.41 10.16 9.98
CA THR A 185 -8.85 11.27 10.79
C THR A 185 -7.35 11.13 11.05
N ALA A 186 -6.93 9.94 11.54
CA ALA A 186 -5.56 9.58 11.91
C ALA A 186 -4.48 9.98 10.89
N ASP A 187 -3.29 10.33 11.41
CA ASP A 187 -2.13 10.70 10.60
C ASP A 187 -1.51 9.43 10.02
N ILE A 188 -1.83 9.14 8.75
CA ILE A 188 -1.40 7.95 8.01
C ILE A 188 -0.71 8.36 6.67
N CYS A 189 0.16 9.40 6.73
CA CYS A 189 0.92 10.03 5.64
C CYS A 189 1.34 9.11 4.48
N GLY A 190 1.93 7.95 4.79
CA GLY A 190 2.39 7.00 3.79
C GLY A 190 1.31 6.27 2.99
N MET A 191 0.03 6.36 3.44
CA MET A 191 -1.11 5.66 2.84
C MET A 191 -2.19 6.54 2.17
N LYS A 192 -2.10 7.87 2.34
CA LYS A 192 -3.07 8.77 1.73
C LYS A 192 -2.36 9.71 0.76
N LEU A 193 -1.06 9.91 0.98
CA LEU A 193 -0.26 10.81 0.17
C LEU A 193 0.52 10.10 -0.90
N PRO A 194 0.55 10.67 -2.13
CA PRO A 194 1.34 10.03 -3.20
C PRO A 194 2.85 10.01 -2.96
N TRP A 195 3.48 8.96 -3.48
CA TRP A 195 4.93 8.77 -3.45
C TRP A 195 5.48 9.05 -4.84
N LEU A 196 6.66 9.65 -4.88
CA LEU A 196 7.37 10.02 -6.10
C LEU A 196 8.62 9.16 -6.21
N TYR A 197 8.83 8.55 -7.39
CA TYR A 197 9.95 7.64 -7.62
C TYR A 197 10.77 8.06 -8.80
N VAL A 198 12.03 8.36 -8.56
CA VAL A 198 12.97 8.73 -9.62
C VAL A 198 13.85 7.51 -9.86
N GLY A 199 13.67 6.87 -11.02
CA GLY A 199 14.42 5.66 -11.34
C GLY A 199 15.58 5.81 -12.28
N MET A 200 16.42 4.78 -12.28
CA MET A 200 17.56 4.61 -13.17
C MET A 200 17.60 3.15 -13.58
N CYS A 201 18.44 2.81 -14.54
CA CYS A 201 18.55 1.45 -15.01
C CYS A 201 18.98 0.54 -13.87
N PHE A 202 18.21 -0.53 -13.71
CA PHE A 202 18.33 -1.60 -12.72
C PHE A 202 17.84 -1.24 -11.30
N SER A 203 17.36 -0.01 -11.07
CA SER A 203 16.85 0.37 -9.73
C SER A 203 15.66 -0.56 -9.57
N SER A 204 15.47 -1.09 -8.38
N SER A 204 15.50 -1.10 -8.38
CA SER A 204 14.36 -2.01 -8.23
CA SER A 204 14.47 -2.10 -8.14
C SER A 204 13.52 -1.88 -6.97
C SER A 204 13.55 -1.91 -6.94
N PHE A 205 12.40 -2.56 -7.00
CA PHE A 205 11.47 -2.58 -5.91
C PHE A 205 11.29 -4.07 -5.67
N CYS A 206 11.56 -4.50 -4.45
CA CYS A 206 11.51 -5.90 -4.03
C CYS A 206 10.11 -6.43 -3.90
N TRP A 207 9.99 -7.75 -3.86
CA TRP A 207 8.68 -8.41 -3.71
C TRP A 207 7.99 -7.94 -2.42
N HIS A 208 6.77 -7.42 -2.55
CA HIS A 208 5.99 -6.95 -1.41
C HIS A 208 4.51 -6.84 -1.75
N ILE A 209 3.71 -6.66 -0.73
CA ILE A 209 2.27 -6.37 -0.79
C ILE A 209 2.05 -5.06 -0.06
N GLU A 210 0.96 -4.35 -0.39
CA GLU A 210 0.65 -3.06 0.25
C GLU A 210 0.21 -3.23 1.66
N ASP A 211 0.45 -2.20 2.47
CA ASP A 211 0.04 -2.14 3.86
C ASP A 211 -1.47 -2.25 3.92
N HIS A 212 -1.99 -3.10 4.84
CA HIS A 212 -3.42 -3.40 5.04
C HIS A 212 -4.07 -4.05 3.81
N TRP A 213 -3.25 -4.72 2.97
CA TRP A 213 -3.61 -5.36 1.70
C TRP A 213 -4.37 -4.39 0.78
N SER A 214 -3.95 -3.11 0.77
CA SER A 214 -4.62 -2.13 -0.08
C SER A 214 -4.22 -2.28 -1.55
N TYR A 215 -4.96 -1.58 -2.40
CA TYR A 215 -4.69 -1.44 -3.81
C TYR A 215 -3.59 -0.41 -3.95
N SER A 216 -2.93 -0.40 -5.09
CA SER A 216 -2.06 0.71 -5.43
C SER A 216 -2.25 1.05 -6.90
N ILE A 217 -2.12 2.32 -7.22
CA ILE A 217 -2.18 2.86 -8.57
C ILE A 217 -0.87 3.62 -8.79
N ASN A 218 -0.12 3.27 -9.85
N ASN A 218 -0.25 3.35 -9.91
CA ASN A 218 1.17 3.88 -10.23
CA ASN A 218 1.07 3.84 -10.27
C ASN A 218 1.06 4.45 -11.63
C ASN A 218 1.03 4.45 -11.66
N TYR A 219 1.46 5.71 -11.78
CA TYR A 219 1.50 6.40 -13.06
C TYR A 219 2.96 6.70 -13.40
N LEU A 220 3.39 6.32 -14.61
CA LEU A 220 4.73 6.70 -15.06
C LEU A 220 4.58 8.03 -15.81
N HIS A 221 5.07 9.15 -15.24
CA HIS A 221 4.93 10.48 -15.88
C HIS A 221 5.77 10.59 -17.17
N TRP A 222 7.05 10.14 -17.12
CA TRP A 222 7.99 10.21 -18.24
C TRP A 222 9.19 9.31 -18.06
N GLY A 223 9.93 9.13 -19.16
CA GLY A 223 11.17 8.37 -19.20
C GLY A 223 11.03 6.96 -19.71
N GLU A 224 12.07 6.17 -19.44
CA GLU A 224 12.16 4.79 -19.87
C GLU A 224 11.22 3.88 -19.09
N PRO A 225 10.81 2.75 -19.69
CA PRO A 225 9.79 1.93 -19.02
C PRO A 225 10.18 1.33 -17.66
N LYS A 226 9.13 0.92 -16.95
CA LYS A 226 9.24 0.26 -15.66
C LYS A 226 8.76 -1.17 -15.89
N THR A 227 9.59 -2.16 -15.55
CA THR A 227 9.23 -3.56 -15.70
C THR A 227 8.62 -4.04 -14.41
N TRP A 228 7.45 -4.68 -14.51
CA TRP A 228 6.71 -5.22 -13.37
C TRP A 228 6.53 -6.73 -13.43
N TYR A 229 6.51 -7.37 -12.24
CA TYR A 229 6.14 -8.78 -12.05
C TYR A 229 5.06 -8.74 -10.99
N GLY A 230 3.97 -9.48 -11.23
CA GLY A 230 2.82 -9.52 -10.35
C GLY A 230 2.31 -10.91 -10.11
N VAL A 231 1.78 -11.12 -8.90
CA VAL A 231 1.25 -12.38 -8.45
C VAL A 231 -0.16 -12.15 -7.94
N PRO A 232 -1.17 -12.92 -8.40
CA PRO A 232 -2.54 -12.71 -7.84
C PRO A 232 -2.64 -12.91 -6.32
N GLY A 233 -3.59 -12.20 -5.70
CA GLY A 233 -3.84 -12.27 -4.26
C GLY A 233 -4.09 -13.68 -3.74
N TYR A 234 -4.70 -14.55 -4.56
CA TYR A 234 -4.99 -15.92 -4.14
C TYR A 234 -3.72 -16.78 -3.94
N ALA A 235 -2.59 -16.39 -4.62
CA ALA A 235 -1.33 -17.13 -4.53
C ALA A 235 -0.33 -16.51 -3.54
N ALA A 236 -0.79 -15.55 -2.70
CA ALA A 236 0.03 -14.85 -1.68
C ALA A 236 0.80 -15.78 -0.73
N GLU A 237 0.10 -16.73 -0.09
CA GLU A 237 0.70 -17.66 0.87
C GLU A 237 1.60 -18.67 0.17
N GLN A 238 1.22 -19.07 -1.05
CA GLN A 238 2.00 -19.97 -1.89
C GLN A 238 3.37 -19.28 -2.18
N LEU A 239 3.36 -17.96 -2.54
CA LEU A 239 4.59 -17.22 -2.76
C LEU A 239 5.42 -17.13 -1.48
N GLU A 240 4.78 -16.83 -0.34
CA GLU A 240 5.47 -16.70 0.95
C GLU A 240 6.15 -18.00 1.39
N ASN A 241 5.49 -19.14 1.15
CA ASN A 241 6.03 -20.46 1.48
C ASN A 241 7.29 -20.76 0.67
N VAL A 242 7.33 -20.33 -0.60
CA VAL A 242 8.49 -20.48 -1.48
C VAL A 242 9.63 -19.59 -0.96
N MET A 243 9.32 -18.34 -0.62
CA MET A 243 10.30 -17.39 -0.11
C MET A 243 10.87 -17.80 1.26
N LYS A 244 10.04 -18.39 2.14
CA LYS A 244 10.44 -18.89 3.46
C LYS A 244 11.54 -19.97 3.35
N LYS A 245 11.39 -20.91 2.39
CA LYS A 245 12.34 -21.98 2.12
C LYS A 245 13.68 -21.45 1.59
N LEU A 246 13.64 -20.54 0.62
CA LEU A 246 14.82 -19.99 -0.05
C LEU A 246 15.53 -18.88 0.73
N ALA A 247 14.79 -18.05 1.48
CA ALA A 247 15.36 -16.94 2.26
C ALA A 247 14.68 -16.84 3.65
N PRO A 248 15.05 -17.74 4.61
CA PRO A 248 14.41 -17.71 5.95
C PRO A 248 14.62 -16.45 6.79
N GLU A 249 15.80 -15.81 6.65
CA GLU A 249 16.21 -14.59 7.36
C GLU A 249 15.24 -13.41 7.22
N LEU A 250 14.48 -13.37 6.11
CA LEU A 250 13.49 -12.34 5.80
C LEU A 250 12.21 -12.47 6.62
N PHE A 251 11.98 -13.67 7.21
CA PHE A 251 10.75 -13.99 7.92
C PHE A 251 10.86 -13.90 9.46
N VAL A 252 12.01 -13.43 9.99
CA VAL A 252 12.20 -13.23 11.43
C VAL A 252 11.37 -12.02 11.95
N SER A 253 11.05 -12.01 13.26
CA SER A 253 10.28 -10.94 13.90
C SER A 253 11.04 -9.60 13.84
N GLN A 254 10.33 -8.52 13.44
CA GLN A 254 10.91 -7.17 13.32
C GLN A 254 10.47 -6.24 14.46
N PRO A 255 11.35 -5.33 14.96
CA PRO A 255 10.96 -4.45 16.07
C PRO A 255 9.87 -3.42 15.75
N ASP A 256 9.67 -3.08 14.46
CA ASP A 256 8.68 -2.12 13.98
C ASP A 256 8.41 -2.25 12.47
N LEU A 257 7.57 -1.34 11.93
CA LEU A 257 7.19 -1.25 10.51
C LEU A 257 8.37 -0.70 9.68
N LEU A 258 9.23 0.12 10.32
CA LEU A 258 10.44 0.73 9.75
C LEU A 258 11.58 -0.31 9.54
N HIS A 259 11.40 -1.54 10.06
CA HIS A 259 12.40 -2.62 9.97
C HIS A 259 11.97 -3.80 9.08
N GLN A 260 10.98 -3.58 8.19
CA GLN A 260 10.46 -4.60 7.25
C GLN A 260 11.53 -5.07 6.26
N LEU A 261 11.70 -6.40 6.13
CA LEU A 261 12.68 -7.00 5.22
C LEU A 261 12.05 -7.55 3.94
N VAL A 262 12.59 -7.13 2.80
CA VAL A 262 12.11 -7.50 1.45
C VAL A 262 13.26 -7.99 0.56
N THR A 263 12.96 -8.70 -0.55
CA THR A 263 14.01 -9.19 -1.43
C THR A 263 13.68 -9.26 -2.93
N ILE A 264 14.76 -9.27 -3.74
CA ILE A 264 14.75 -9.51 -5.18
C ILE A 264 14.72 -11.05 -5.31
N MET A 265 13.82 -11.58 -6.12
CA MET A 265 13.73 -13.02 -6.41
C MET A 265 13.22 -13.21 -7.84
N ASN A 266 13.92 -14.06 -8.58
CA ASN A 266 13.59 -14.36 -9.97
C ASN A 266 12.18 -14.92 -10.12
N PRO A 267 11.32 -14.31 -10.96
CA PRO A 267 9.97 -14.88 -11.18
C PRO A 267 9.98 -16.32 -11.68
N ASN A 268 11.06 -16.77 -12.37
CA ASN A 268 11.20 -18.17 -12.87
C ASN A 268 11.31 -19.15 -11.71
N THR A 269 11.88 -18.71 -10.57
CA THR A 269 11.95 -19.54 -9.35
C THR A 269 10.51 -19.75 -8.83
N LEU A 270 9.69 -18.69 -8.87
CA LEU A 270 8.30 -18.79 -8.43
C LEU A 270 7.48 -19.66 -9.39
N MET A 271 7.72 -19.48 -10.70
CA MET A 271 7.08 -20.23 -11.77
C MET A 271 7.36 -21.73 -11.68
N THR A 272 8.60 -22.09 -11.32
CA THR A 272 9.08 -23.47 -11.09
C THR A 272 8.27 -24.09 -9.94
N HIS A 273 7.96 -23.29 -8.89
CA HIS A 273 7.19 -23.73 -7.73
C HIS A 273 5.68 -23.56 -7.90
N GLU A 274 5.21 -23.46 -9.16
CA GLU A 274 3.78 -23.37 -9.55
C GLU A 274 3.06 -22.13 -9.00
N VAL A 275 3.81 -21.04 -8.73
CA VAL A 275 3.23 -19.75 -8.31
C VAL A 275 2.92 -18.99 -9.62
N PRO A 276 1.66 -18.60 -9.92
CA PRO A 276 1.42 -17.83 -11.15
C PRO A 276 2.04 -16.42 -11.10
N VAL A 277 2.83 -16.08 -12.12
CA VAL A 277 3.53 -14.79 -12.24
C VAL A 277 3.19 -14.14 -13.60
N TYR A 278 2.92 -12.83 -13.61
CA TYR A 278 2.66 -12.08 -14.83
C TYR A 278 3.61 -10.89 -14.89
N ARG A 279 3.90 -10.42 -16.11
CA ARG A 279 4.79 -9.29 -16.31
C ARG A 279 4.12 -8.19 -17.16
N THR A 280 4.77 -7.03 -17.16
CA THR A 280 4.47 -5.89 -18.02
C THR A 280 5.64 -4.92 -18.03
N ASN A 281 5.72 -4.15 -19.12
CA ASN A 281 6.61 -3.02 -19.27
C ASN A 281 5.65 -1.83 -19.29
N GLN A 282 5.65 -1.06 -18.21
CA GLN A 282 4.81 0.11 -18.14
C GLN A 282 5.59 1.25 -18.80
N CYS A 283 4.98 1.88 -19.79
CA CYS A 283 5.58 3.02 -20.47
C CYS A 283 5.02 4.32 -19.96
N ALA A 284 5.70 5.43 -20.30
CA ALA A 284 5.33 6.81 -19.94
C ALA A 284 3.88 7.07 -20.37
N GLY A 285 3.05 7.57 -19.45
CA GLY A 285 1.64 7.84 -19.72
C GLY A 285 0.74 6.65 -19.43
N GLU A 286 1.31 5.57 -18.90
CA GLU A 286 0.48 4.41 -18.54
C GLU A 286 0.40 4.24 -17.05
N PHE A 287 -0.70 3.62 -16.62
CA PHE A 287 -0.95 3.27 -15.23
C PHE A 287 -0.78 1.78 -15.05
N VAL A 288 -0.34 1.40 -13.85
CA VAL A 288 -0.31 0.01 -13.35
C VAL A 288 -1.16 0.04 -12.06
N ILE A 289 -2.11 -0.88 -11.96
CA ILE A 289 -2.92 -1.04 -10.77
C ILE A 289 -2.53 -2.38 -10.13
N THR A 290 -2.28 -2.41 -8.82
CA THR A 290 -2.04 -3.67 -8.09
C THR A 290 -3.30 -3.95 -7.25
N PHE A 291 -3.77 -5.20 -7.24
CA PHE A 291 -4.97 -5.58 -6.50
C PHE A 291 -4.65 -6.01 -5.04
N PRO A 292 -5.62 -6.04 -4.09
CA PRO A 292 -5.31 -6.44 -2.70
C PRO A 292 -4.56 -7.78 -2.54
N ARG A 293 -3.51 -7.76 -1.70
CA ARG A 293 -2.64 -8.90 -1.36
C ARG A 293 -1.88 -9.49 -2.60
N ALA A 294 -1.79 -8.70 -3.67
CA ALA A 294 -1.07 -9.11 -4.89
C ALA A 294 0.42 -8.74 -4.79
N TYR A 295 1.29 -9.75 -4.66
CA TYR A 295 2.74 -9.51 -4.62
C TYR A 295 3.24 -8.90 -5.92
N HIS A 296 4.14 -7.92 -5.81
CA HIS A 296 4.73 -7.29 -6.98
C HIS A 296 6.14 -6.84 -6.73
N SER A 297 6.94 -6.81 -7.79
CA SER A 297 8.33 -6.40 -7.80
C SER A 297 8.61 -5.92 -9.22
N GLY A 298 9.79 -5.37 -9.42
CA GLY A 298 10.20 -4.91 -10.73
C GLY A 298 11.43 -4.06 -10.69
N PHE A 299 11.79 -3.47 -11.83
CA PHE A 299 13.00 -2.65 -11.93
C PHE A 299 12.78 -1.64 -13.04
N ASN A 300 13.58 -0.58 -13.06
CA ASN A 300 13.47 0.43 -14.11
C ASN A 300 14.45 0.12 -15.23
N GLN A 301 14.02 0.42 -16.46
CA GLN A 301 14.78 0.21 -17.70
C GLN A 301 15.80 1.31 -17.90
N GLY A 302 15.57 2.45 -17.28
CA GLY A 302 16.41 3.63 -17.35
C GLY A 302 15.84 4.76 -16.53
N PHE A 303 16.34 5.98 -16.77
CA PHE A 303 15.93 7.21 -16.13
C PHE A 303 14.41 7.46 -16.33
N ASN A 304 13.69 7.63 -15.20
CA ASN A 304 12.25 7.83 -15.27
C ASN A 304 11.69 8.47 -14.00
N PHE A 305 10.41 8.82 -14.05
CA PHE A 305 9.73 9.49 -12.96
C PHE A 305 8.32 8.94 -12.83
N ALA A 306 8.03 8.41 -11.66
CA ALA A 306 6.74 7.79 -11.38
C ALA A 306 6.13 8.36 -10.12
N GLU A 307 4.80 8.20 -10.00
CA GLU A 307 4.01 8.65 -8.88
C GLU A 307 3.03 7.55 -8.57
N ALA A 308 2.88 7.26 -7.27
CA ALA A 308 2.02 6.16 -6.84
C ALA A 308 1.26 6.47 -5.58
N VAL A 309 0.10 5.82 -5.41
CA VAL A 309 -0.70 6.02 -4.20
C VAL A 309 -1.48 4.75 -3.85
N ASN A 310 -1.72 4.55 -2.57
CA ASN A 310 -2.53 3.45 -2.09
C ASN A 310 -3.96 3.92 -2.09
N PHE A 311 -4.88 2.98 -2.25
CA PHE A 311 -6.31 3.30 -2.17
C PHE A 311 -7.09 2.10 -1.72
N CYS A 312 -8.25 2.35 -1.15
CA CYS A 312 -9.15 1.34 -0.64
C CYS A 312 -10.57 1.55 -1.13
N THR A 313 -11.14 0.53 -1.79
CA THR A 313 -12.52 0.55 -2.31
C THR A 313 -13.43 -0.23 -1.33
N VAL A 314 -14.77 -0.21 -1.57
CA VAL A 314 -15.77 -0.94 -0.77
C VAL A 314 -15.57 -2.47 -0.86
N ASP A 315 -15.03 -2.94 -1.99
CA ASP A 315 -14.69 -4.33 -2.25
C ASP A 315 -13.59 -4.81 -1.29
N TRP A 316 -12.64 -3.90 -0.96
CA TRP A 316 -11.49 -4.14 -0.09
C TRP A 316 -11.88 -4.29 1.39
N LEU A 317 -12.93 -3.57 1.90
CA LEU A 317 -13.34 -3.56 3.31
C LEU A 317 -13.27 -4.95 4.04
N PRO A 318 -13.87 -6.06 3.52
CA PRO A 318 -13.72 -7.36 4.22
C PRO A 318 -12.28 -7.89 4.23
N LEU A 319 -11.47 -7.60 3.18
CA LEU A 319 -10.06 -7.98 3.12
C LEU A 319 -9.22 -7.19 4.13
N GLY A 320 -9.57 -5.91 4.34
CA GLY A 320 -8.92 -5.06 5.33
C GLY A 320 -9.05 -5.62 6.74
N ARG A 321 -10.26 -6.15 7.07
CA ARG A 321 -10.53 -6.79 8.35
C ARG A 321 -9.74 -8.13 8.44
N GLN A 322 -9.72 -8.92 7.35
N GLN A 322 -9.73 -8.93 7.34
CA GLN A 322 -8.99 -10.18 7.29
CA GLN A 322 -8.98 -10.20 7.28
C GLN A 322 -7.47 -9.93 7.45
C GLN A 322 -7.47 -9.92 7.47
N CYS A 323 -6.99 -8.78 6.92
CA CYS A 323 -5.59 -8.36 7.03
C CYS A 323 -5.16 -8.08 8.48
N VAL A 324 -5.97 -7.31 9.22
CA VAL A 324 -5.69 -6.97 10.62
C VAL A 324 -5.64 -8.25 11.49
N GLU A 325 -6.53 -9.22 11.20
CA GLU A 325 -6.56 -10.53 11.85
C GLU A 325 -5.24 -11.29 11.55
N HIS A 326 -4.78 -11.21 10.30
CA HIS A 326 -3.53 -11.80 9.84
C HIS A 326 -2.29 -11.13 10.48
N TYR A 327 -2.30 -9.79 10.60
CA TYR A 327 -1.22 -9.04 11.26
C TYR A 327 -1.09 -9.47 12.72
N ARG A 328 -2.23 -9.74 13.37
CA ARG A 328 -2.30 -10.14 14.77
C ARG A 328 -1.61 -11.49 14.97
N LEU A 329 -1.90 -12.45 14.08
CA LEU A 329 -1.31 -13.79 14.09
C LEU A 329 0.20 -13.79 13.88
N LEU A 330 0.70 -12.76 13.19
CA LEU A 330 2.11 -12.59 12.87
C LEU A 330 2.83 -11.60 13.80
N HIS A 331 2.08 -10.90 14.69
CA HIS A 331 2.59 -9.84 15.59
C HIS A 331 3.16 -8.67 14.78
N ARG A 332 2.48 -8.32 13.68
CA ARG A 332 2.88 -7.24 12.80
C ARG A 332 2.16 -5.95 13.18
N TYR A 333 2.87 -4.83 13.13
CA TYR A 333 2.30 -3.53 13.44
C TYR A 333 1.32 -3.09 12.34
N CYS A 334 0.24 -2.44 12.75
CA CYS A 334 -0.79 -1.88 11.87
C CYS A 334 -0.37 -0.48 11.51
N VAL A 335 -0.88 0.05 10.40
CA VAL A 335 -0.65 1.45 10.02
C VAL A 335 -1.75 2.28 10.71
N PHE A 336 -2.96 1.72 10.79
CA PHE A 336 -4.13 2.34 11.40
C PHE A 336 -5.03 1.27 11.98
N SER A 337 -5.99 1.69 12.81
CA SER A 337 -7.00 0.79 13.35
C SER A 337 -8.14 0.70 12.33
N HIS A 338 -8.44 -0.53 11.87
CA HIS A 338 -9.52 -0.79 10.92
C HIS A 338 -10.88 -0.51 11.59
N ASP A 339 -11.04 -0.94 12.86
CA ASP A 339 -12.29 -0.68 13.60
C ASP A 339 -12.56 0.80 13.81
N GLU A 340 -11.49 1.57 14.06
CA GLU A 340 -11.59 3.00 14.24
C GLU A 340 -12.08 3.69 12.95
N MET A 341 -11.58 3.24 11.79
CA MET A 341 -11.99 3.75 10.49
C MET A 341 -13.51 3.49 10.26
N ILE A 342 -13.96 2.26 10.56
CA ILE A 342 -15.35 1.82 10.46
C ILE A 342 -16.28 2.68 11.33
N CYS A 343 -15.90 2.89 12.61
CA CYS A 343 -16.68 3.69 13.54
C CYS A 343 -16.71 5.18 13.16
N LYS A 344 -15.64 5.68 12.56
CA LYS A 344 -15.54 7.05 12.06
C LYS A 344 -16.52 7.25 10.89
N MET A 345 -16.56 6.28 9.96
CA MET A 345 -17.50 6.29 8.83
C MET A 345 -18.93 6.19 9.34
N ALA A 346 -19.21 5.31 10.35
CA ALA A 346 -20.54 5.17 10.98
C ALA A 346 -21.01 6.51 11.56
N SER A 347 -20.09 7.26 12.19
CA SER A 347 -20.39 8.56 12.82
C SER A 347 -20.67 9.67 11.78
N LYS A 348 -20.38 9.42 10.50
CA LYS A 348 -20.59 10.37 9.41
C LYS A 348 -21.58 9.73 8.40
N ALA A 349 -22.43 8.78 8.87
CA ALA A 349 -23.37 8.05 8.01
C ALA A 349 -24.23 8.95 7.09
N ASP A 350 -24.69 10.12 7.60
CA ASP A 350 -25.50 11.10 6.87
C ASP A 350 -24.87 11.69 5.61
N VAL A 351 -23.51 11.74 5.53
CA VAL A 351 -22.81 12.29 4.36
C VAL A 351 -22.07 11.22 3.52
N LEU A 352 -22.23 9.92 3.85
CA LEU A 352 -21.56 8.86 3.09
C LEU A 352 -22.30 8.54 1.82
N ASP A 353 -21.56 8.02 0.82
CA ASP A 353 -22.15 7.50 -0.41
C ASP A 353 -23.02 6.29 0.04
N VAL A 354 -24.16 6.06 -0.64
N VAL A 354 -24.15 6.07 -0.63
CA VAL A 354 -25.13 5.02 -0.31
CA VAL A 354 -25.14 5.02 -0.33
C VAL A 354 -24.55 3.59 -0.41
C VAL A 354 -24.52 3.61 -0.39
N VAL A 355 -23.71 3.32 -1.44
CA VAL A 355 -23.06 2.00 -1.62
C VAL A 355 -22.01 1.80 -0.52
N VAL A 356 -21.30 2.89 -0.17
CA VAL A 356 -20.31 2.90 0.91
C VAL A 356 -21.00 2.59 2.25
N ALA A 357 -22.09 3.31 2.58
CA ALA A 357 -22.86 3.11 3.83
C ALA A 357 -23.35 1.67 3.97
N SER A 358 -23.82 1.08 2.86
CA SER A 358 -24.28 -0.32 2.79
C SER A 358 -23.17 -1.32 3.14
N THR A 359 -21.97 -1.14 2.53
CA THR A 359 -20.78 -1.97 2.73
C THR A 359 -20.20 -1.84 4.14
N VAL A 360 -20.10 -0.60 4.65
CA VAL A 360 -19.65 -0.31 6.02
C VAL A 360 -20.56 -0.99 7.03
N GLN A 361 -21.90 -0.94 6.79
CA GLN A 361 -22.87 -1.57 7.68
C GLN A 361 -22.59 -3.08 7.85
N LYS A 362 -22.28 -3.79 6.73
CA LYS A 362 -21.96 -5.22 6.71
C LYS A 362 -20.69 -5.54 7.52
N ASP A 363 -19.63 -4.74 7.38
CA ASP A 363 -18.40 -4.94 8.14
C ASP A 363 -18.65 -4.65 9.63
N MET A 364 -19.40 -3.57 9.92
CA MET A 364 -19.76 -3.18 11.27
C MET A 364 -20.54 -4.30 12.00
N ALA A 365 -21.45 -5.01 11.30
CA ALA A 365 -22.21 -6.12 11.89
C ALA A 365 -21.29 -7.25 12.34
N ILE A 366 -20.23 -7.57 11.56
CA ILE A 366 -19.21 -8.57 11.90
C ILE A 366 -18.40 -8.08 13.10
N MET A 367 -17.92 -6.82 13.06
CA MET A 367 -17.18 -6.20 14.14
C MET A 367 -17.94 -6.33 15.49
N ILE A 368 -19.25 -5.99 15.50
CA ILE A 368 -20.09 -5.99 16.70
C ILE A 368 -20.26 -7.43 17.25
N GLU A 369 -20.58 -8.40 16.39
CA GLU A 369 -20.72 -9.79 16.80
C GLU A 369 -19.41 -10.36 17.32
N ASP A 370 -18.26 -10.06 16.66
CA ASP A 370 -16.96 -10.50 17.15
C ASP A 370 -16.64 -9.89 18.52
N GLU A 371 -16.95 -8.58 18.69
CA GLU A 371 -16.72 -7.83 19.92
C GLU A 371 -17.54 -8.35 21.08
N LYS A 372 -18.82 -8.61 20.83
CA LYS A 372 -19.76 -9.17 21.79
C LYS A 372 -19.22 -10.52 22.34
N ALA A 373 -18.71 -11.39 21.44
CA ALA A 373 -18.15 -12.69 21.81
C ALA A 373 -16.87 -12.55 22.62
N LEU A 374 -15.98 -11.61 22.23
CA LEU A 374 -14.72 -11.36 22.95
C LEU A 374 -14.96 -10.86 24.38
N ARG A 375 -15.90 -9.91 24.55
CA ARG A 375 -16.27 -9.36 25.86
C ARG A 375 -16.87 -10.44 26.78
N GLU A 376 -17.68 -11.35 26.24
CA GLU A 376 -18.29 -12.44 27.00
C GLU A 376 -17.21 -13.41 27.52
N THR A 377 -16.19 -13.70 26.69
CA THR A 377 -15.05 -14.57 27.01
C THR A 377 -14.20 -13.96 28.14
N VAL A 378 -13.93 -12.66 28.10
CA VAL A 378 -13.09 -12.00 29.11
C VAL A 378 -13.87 -11.83 30.42
N ARG A 379 -15.21 -11.65 30.37
CA ARG A 379 -16.03 -11.63 31.59
C ARG A 379 -15.94 -13.04 32.29
N LYS A 380 -15.91 -14.11 31.50
CA LYS A 380 -15.80 -15.47 32.02
C LYS A 380 -14.41 -15.79 32.62
N LEU A 381 -13.38 -15.00 32.25
CA LEU A 381 -12.02 -15.13 32.79
C LEU A 381 -11.91 -14.43 34.14
N GLY A 382 -12.92 -13.63 34.48
CA GLY A 382 -13.00 -12.97 35.78
C GLY A 382 -12.74 -11.48 35.74
N VAL A 383 -12.64 -10.88 34.55
CA VAL A 383 -12.48 -9.42 34.41
C VAL A 383 -13.87 -8.84 34.63
N ILE A 384 -14.03 -8.05 35.69
CA ILE A 384 -15.34 -7.50 36.06
C ILE A 384 -15.39 -5.99 35.91
N ASP A 385 -14.38 -5.29 36.43
CA ASP A 385 -14.26 -3.86 36.34
C ASP A 385 -14.10 -3.39 34.88
N SER A 386 -14.77 -2.28 34.53
CA SER A 386 -14.70 -1.73 33.20
C SER A 386 -14.78 -0.21 33.24
N GLU A 387 -14.21 0.46 32.23
CA GLU A 387 -14.27 1.92 32.14
C GLU A 387 -14.16 2.32 30.69
N ARG A 388 -14.96 3.27 30.26
CA ARG A 388 -14.91 3.75 28.89
C ARG A 388 -13.59 4.48 28.64
N MET A 389 -13.03 4.28 27.46
CA MET A 389 -11.78 4.94 27.11
C MET A 389 -11.80 5.39 25.66
N ASP A 390 -11.37 6.62 25.40
CA ASP A 390 -11.32 7.15 24.05
C ASP A 390 -9.97 6.80 23.43
N PHE A 391 -9.89 5.63 22.83
CA PHE A 391 -8.66 5.12 22.26
C PHE A 391 -8.08 6.01 21.17
N GLU A 392 -8.93 6.61 20.35
CA GLU A 392 -8.46 7.47 19.25
C GLU A 392 -7.56 8.65 19.71
N LEU A 393 -7.67 9.05 21.00
CA LEU A 393 -6.84 10.14 21.55
C LEU A 393 -5.42 9.71 21.86
N LEU A 394 -5.20 8.42 22.03
CA LEU A 394 -3.86 7.93 22.34
C LEU A 394 -3.00 7.86 21.11
N PRO A 395 -1.71 8.27 21.18
CA PRO A 395 -0.78 7.99 20.06
C PRO A 395 -0.73 6.47 19.84
N ASP A 396 -0.51 6.01 18.59
CA ASP A 396 -0.49 4.59 18.21
C ASP A 396 0.38 3.71 19.07
N ASP A 397 1.63 4.16 19.32
CA ASP A 397 2.61 3.47 20.16
C ASP A 397 2.16 3.34 21.61
N GLU A 398 1.06 4.02 22.00
CA GLU A 398 0.51 3.94 23.36
C GLU A 398 -0.74 3.04 23.42
N ARG A 399 -1.11 2.41 22.31
CA ARG A 399 -2.30 1.58 22.32
C ARG A 399 -2.12 0.27 21.52
N GLN A 400 -0.90 -0.24 21.52
CA GLN A 400 -0.57 -1.52 20.89
C GLN A 400 -0.60 -2.65 21.90
N CYS A 401 -1.19 -3.79 21.52
CA CYS A 401 -1.22 -4.99 22.36
C CYS A 401 0.24 -5.40 22.61
N VAL A 402 0.59 -5.62 23.88
CA VAL A 402 1.92 -6.05 24.37
C VAL A 402 2.35 -7.33 23.61
N LYS A 403 1.40 -8.24 23.38
CA LYS A 403 1.65 -9.51 22.73
C LYS A 403 1.71 -9.46 21.19
N CYS A 404 0.58 -9.15 20.55
CA CYS A 404 0.42 -9.22 19.10
C CYS A 404 0.64 -7.91 18.35
N LYS A 405 0.78 -6.77 19.08
CA LYS A 405 1.07 -5.43 18.53
C LYS A 405 -0.10 -4.77 17.79
N THR A 406 -1.30 -5.36 17.81
CA THR A 406 -2.46 -4.76 17.17
C THR A 406 -2.77 -3.40 17.81
N THR A 407 -3.25 -2.45 16.99
CA THR A 407 -3.66 -1.13 17.45
C THR A 407 -5.06 -1.30 18.05
N CYS A 408 -5.18 -1.10 19.34
CA CYS A 408 -6.46 -1.26 20.03
C CYS A 408 -7.41 -0.09 19.83
N PHE A 409 -8.68 -0.38 19.61
CA PHE A 409 -9.71 0.64 19.49
C PHE A 409 -11.00 0.29 20.23
N MET A 410 -11.60 -0.84 19.85
CA MET A 410 -12.83 -1.29 20.44
C MET A 410 -12.71 -1.59 21.92
N SER A 411 -11.63 -2.22 22.30
CA SER A 411 -11.37 -2.58 23.70
C SER A 411 -9.95 -3.09 23.98
N ALA A 412 -9.60 -3.09 25.26
CA ALA A 412 -8.30 -3.55 25.74
C ALA A 412 -8.38 -3.84 27.22
N ILE A 413 -7.37 -4.54 27.74
CA ILE A 413 -7.29 -4.87 29.14
C ILE A 413 -6.10 -4.15 29.76
N SER A 414 -6.31 -3.56 30.93
CA SER A 414 -5.22 -2.90 31.64
C SER A 414 -5.17 -3.41 33.06
N CYS A 415 -4.01 -3.25 33.70
CA CYS A 415 -3.81 -3.56 35.11
C CYS A 415 -3.03 -2.40 35.71
N SER A 416 -3.43 -1.95 36.91
CA SER A 416 -2.75 -0.85 37.60
C SER A 416 -1.26 -1.17 37.92
N CYS A 417 -0.88 -2.47 38.01
CA CYS A 417 0.50 -2.90 38.23
C CYS A 417 1.44 -2.59 37.03
N LYS A 418 0.89 -2.41 35.81
CA LYS A 418 1.69 -2.07 34.62
C LYS A 418 1.11 -0.84 33.93
N PRO A 419 1.36 0.38 34.50
CA PRO A 419 0.76 1.60 33.93
C PRO A 419 1.08 1.85 32.46
N GLY A 420 0.04 2.17 31.69
CA GLY A 420 0.15 2.45 30.26
C GLY A 420 0.15 1.22 29.35
N LEU A 421 0.39 0.01 29.91
CA LEU A 421 0.41 -1.21 29.09
C LEU A 421 -0.99 -1.73 28.78
N LEU A 422 -1.18 -2.24 27.58
CA LEU A 422 -2.47 -2.76 27.17
C LEU A 422 -2.33 -4.09 26.46
N VAL A 423 -3.37 -4.92 26.57
CA VAL A 423 -3.46 -6.13 25.79
C VAL A 423 -4.79 -6.10 25.09
N CYS A 424 -4.87 -6.64 23.85
CA CYS A 424 -6.16 -6.79 23.16
C CYS A 424 -6.91 -7.96 23.90
N LEU A 425 -8.18 -8.18 23.55
N LEU A 425 -8.19 -8.18 23.57
CA LEU A 425 -9.00 -9.20 24.20
CA LEU A 425 -8.97 -9.19 24.26
C LEU A 425 -8.59 -10.63 23.87
C LEU A 425 -8.61 -10.63 23.86
N HIS A 426 -7.71 -10.82 22.90
CA HIS A 426 -7.27 -12.15 22.54
C HIS A 426 -6.11 -12.55 23.44
N HIS A 427 -5.48 -11.57 24.08
CA HIS A 427 -4.31 -11.79 24.91
C HIS A 427 -4.40 -11.34 26.36
N VAL A 428 -5.55 -11.61 26.96
CA VAL A 428 -5.80 -11.25 28.34
C VAL A 428 -4.79 -11.90 29.29
N LYS A 429 -4.36 -13.13 29.00
CA LYS A 429 -3.39 -13.80 29.87
C LYS A 429 -1.90 -13.34 29.64
N GLU A 430 -1.65 -12.33 28.79
CA GLU A 430 -0.27 -11.89 28.49
C GLU A 430 0.14 -10.56 29.14
N LEU A 431 -0.72 -9.96 29.96
CA LEU A 431 -0.46 -8.67 30.58
C LEU A 431 0.51 -8.74 31.77
N CYS A 432 0.12 -9.50 32.83
CA CYS A 432 0.84 -9.64 34.09
C CYS A 432 0.33 -10.88 34.82
N SER A 433 0.93 -11.18 35.97
CA SER A 433 0.57 -12.35 36.76
C SER A 433 -0.55 -12.08 37.80
N CYS A 434 -1.14 -10.86 37.83
CA CYS A 434 -2.24 -10.53 38.77
C CYS A 434 -3.48 -11.35 38.43
N PRO A 435 -4.35 -11.71 39.40
CA PRO A 435 -5.60 -12.40 39.02
C PRO A 435 -6.47 -11.45 38.15
N PRO A 436 -7.22 -11.98 37.15
CA PRO A 436 -8.04 -11.08 36.29
C PRO A 436 -9.03 -10.13 36.98
N TYR A 437 -9.41 -10.37 38.27
CA TYR A 437 -10.31 -9.42 38.96
C TYR A 437 -9.65 -8.05 39.23
N LYS A 438 -8.31 -8.00 39.16
CA LYS A 438 -7.51 -6.77 39.32
C LYS A 438 -7.52 -5.96 38.01
N TYR A 439 -7.98 -6.59 36.88
CA TYR A 439 -7.98 -5.96 35.56
C TYR A 439 -9.15 -5.05 35.33
N LYS A 440 -9.00 -4.20 34.34
CA LYS A 440 -10.06 -3.29 33.96
C LYS A 440 -10.26 -3.50 32.46
N LEU A 441 -11.50 -3.68 32.04
CA LEU A 441 -11.82 -3.73 30.63
C LEU A 441 -11.99 -2.24 30.18
N ARG A 442 -11.14 -1.81 29.23
N ARG A 442 -11.13 -1.78 29.25
CA ARG A 442 -11.19 -0.47 28.63
CA ARG A 442 -11.25 -0.43 28.68
C ARG A 442 -11.96 -0.61 27.32
C ARG A 442 -11.94 -0.57 27.35
N TYR A 443 -13.03 0.16 27.13
CA TYR A 443 -13.85 0.03 25.93
C TYR A 443 -14.21 1.37 25.33
N ARG A 444 -14.31 1.44 23.99
CA ARG A 444 -14.68 2.68 23.34
C ARG A 444 -16.19 2.91 23.43
N TYR A 445 -16.97 1.86 23.15
CA TYR A 445 -18.43 1.90 23.14
C TYR A 445 -19.02 0.73 23.82
N THR A 446 -20.22 0.91 24.39
CA THR A 446 -20.99 -0.20 24.92
C THR A 446 -21.69 -0.79 23.65
N LEU A 447 -22.20 -2.02 23.75
CA LEU A 447 -22.99 -2.61 22.66
C LEU A 447 -24.21 -1.72 22.34
N ASP A 448 -24.79 -1.07 23.37
CA ASP A 448 -25.91 -0.14 23.21
C ASP A 448 -25.58 1.13 22.43
N ASP A 449 -24.31 1.59 22.43
CA ASP A 449 -23.92 2.74 21.62
C ASP A 449 -23.75 2.27 20.16
N LEU A 450 -23.29 1.03 19.96
CA LEU A 450 -22.94 0.51 18.64
C LEU A 450 -24.12 0.23 17.71
N TYR A 451 -25.22 -0.37 18.21
CA TYR A 451 -26.39 -0.72 17.40
C TYR A 451 -27.04 0.54 16.73
N PRO A 452 -27.25 1.71 17.41
CA PRO A 452 -27.75 2.90 16.70
C PRO A 452 -26.81 3.46 15.63
N MET A 453 -25.48 3.28 15.78
CA MET A 453 -24.47 3.72 14.80
C MET A 453 -24.65 2.91 13.51
N MET A 454 -24.84 1.60 13.68
CA MET A 454 -25.07 0.70 12.56
C MET A 454 -26.43 0.98 11.88
N ASN A 455 -27.47 1.34 12.68
N ASN A 455 -27.46 1.33 12.67
CA ASN A 455 -28.80 1.68 12.18
CA ASN A 455 -28.79 1.65 12.17
C ASN A 455 -28.81 2.97 11.36
C ASN A 455 -28.80 2.96 11.35
N ALA A 456 -27.91 3.92 11.68
CA ALA A 456 -27.76 5.20 10.95
C ALA A 456 -27.25 4.87 9.54
N LEU A 457 -26.34 3.88 9.43
CA LEU A 457 -25.79 3.41 8.14
C LEU A 457 -26.88 2.71 7.34
N LYS A 458 -27.74 1.93 8.02
CA LYS A 458 -28.87 1.22 7.42
C LYS A 458 -29.87 2.21 6.79
N LEU A 459 -30.18 3.32 7.51
CA LEU A 459 -31.07 4.36 7.03
C LEU A 459 -30.49 5.06 5.81
N ARG A 460 -29.20 5.42 5.87
CA ARG A 460 -28.49 6.03 4.75
C ARG A 460 -28.42 5.09 3.55
N ALA A 461 -28.18 3.80 3.77
CA ALA A 461 -28.10 2.80 2.70
C ALA A 461 -29.45 2.56 2.04
N GLU A 462 -30.56 2.70 2.78
CA GLU A 462 -31.91 2.47 2.24
C GLU A 462 -32.57 3.73 1.61
N SER A 463 -31.84 4.88 1.60
CA SER A 463 -32.31 6.15 1.01
C SER A 463 -31.71 6.40 -0.38
ZN ZN B . -3.23 -8.97 21.17
ZN ZN C . -1.11 -6.67 37.19
MN MN D . 25.15 -9.79 -7.99
MN MN E . 3.93 -1.54 -4.05
C1 EDO F . 11.57 12.56 -4.72
O1 EDO F . 11.80 13.18 -3.48
C2 EDO F . 12.41 11.29 -4.76
O2 EDO F . 11.97 10.51 -5.86
C1 EDO G . -17.48 -6.12 32.32
O1 EDO G . -17.96 -6.77 33.49
C2 EDO G . -15.99 -6.46 32.15
O2 EDO G . -15.86 -7.85 31.84
C1 EDO H . -20.77 8.04 29.58
O1 EDO H . -20.02 8.56 28.50
C2 EDO H . -20.03 6.83 30.22
O2 EDO H . -18.70 7.16 30.62
P PO4 I . -0.46 -15.92 20.03
O1 PO4 I . 0.01 -17.41 19.71
O2 PO4 I . 0.23 -15.41 21.32
O3 PO4 I . -2.06 -15.89 20.22
O4 PO4 I . -0.04 -14.97 18.83
C1 FO2 J . 5.41 -0.69 -6.79
N1 FO2 J . 9.19 2.11 -6.85
C2 FO2 J . 6.31 0.00 -4.81
N2 FO2 J . 8.32 1.38 -4.76
C3 FO2 J . 7.29 0.80 -5.45
N3 FO2 J . 5.99 0.18 -3.44
C4 FO2 J . 7.20 0.86 -6.85
N4 FO2 J . 4.78 -0.22 -2.98
C5 FO2 J . 8.21 1.60 -7.58
C6 FO2 J . 9.22 2.00 -5.50
C7 FO2 J . 4.79 0.14 -1.71
C8 FO2 J . 5.99 0.76 -1.33
C9 FO2 J . 6.74 0.75 -2.48
C10 FO2 J . 6.35 1.32 0.02
C11 FO2 J . 6.22 2.84 0.06
O FO2 J . 8.16 1.80 -8.78
C FO2 J . 6.25 0.13 -7.54
N FO2 J . 5.45 -0.77 -5.46
C14 FO2 J . 5.52 0.70 1.14
C13 FO2 J . 5.91 1.32 2.48
N5 FO2 J . 5.73 2.77 2.46
C12 FO2 J . 6.58 3.36 1.44
S DMS K . 2.74 4.10 -2.77
O DMS K . 3.98 3.79 -3.52
C1 DMS K . 1.62 2.87 -3.36
C2 DMS K . 3.08 3.41 -1.16
S DMS L . 13.51 -1.73 -2.58
O DMS L . 12.36 -2.62 -2.54
C1 DMS L . 12.85 -0.10 -2.88
C2 DMS L . 14.01 -1.50 -0.89
S DMS M . 17.62 9.40 -23.28
O DMS M . 17.06 8.17 -22.68
C1 DMS M . 18.36 8.79 -24.74
C2 DMS M . 16.39 10.30 -24.12
S DMS N . -14.19 7.50 16.03
O DMS N . -13.95 6.10 15.65
C1 DMS N . -15.93 7.76 15.77
C2 DMS N . -14.16 7.56 17.80
S DMS O . -18.78 -2.73 29.31
O DMS O . -18.63 -3.92 28.46
C1 DMS O . -20.26 -1.96 28.74
C2 DMS O . -19.39 -3.34 30.84
#